data_6LKL
#
_entry.id   6LKL
#
_cell.length_a   71.375
_cell.length_b   85.932
_cell.length_c   71.515
_cell.angle_alpha   90.000
_cell.angle_beta   96.740
_cell.angle_gamma   90.000
#
_symmetry.space_group_name_H-M   'P 1 21 1'
#
loop_
_entity.id
_entity.type
_entity.pdbx_description
1 polymer 'ABC transporter, solute-binding protein'
2 non-polymer 'MALONIC ACID'
3 water water
#
_entity_poly.entity_id   1
_entity_poly.type   'polypeptide(L)'
_entity_poly.pdbx_seq_one_letter_code
;NVLTVYSPYQSNLIRPILNEFEKQEHVKIEIKHGSTQVLLSNLHNEDFSERGDVFMGGVLSETIDHPEDFVPYQDTSVTQ
QLEDYRSNNKYVTSFLLMPTVIVVNSDLQGDIKIRGYQDLLQPILKGKIAYSNPNTTTTGYQHMRAIYSMHHRVSDVHQF
QNHAMQLSKTSKVIEDVAKGKYYAGLSYEQDARTWKNKGYPVSIVYPIEGTMLNVDGIALVKNAHPHPKRKKLVQYLTSR
SVQQRLVAEFDAKSIRKDVSEQSDQSIENLKNIPLIPKSKLPDIPHHKFLEMIQ
;
_entity_poly.pdbx_strand_id   A,B
#
loop_
_chem_comp.id
_chem_comp.type
_chem_comp.name
_chem_comp.formula
MLA non-polymer 'MALONIC ACID' 'C3 H4 O4'
#
# COMPACT_ATOMS: atom_id res chain seq x y z
N ASN A 1 37.40 -3.52 12.44
CA ASN A 1 36.67 -3.02 13.60
C ASN A 1 35.16 -3.10 13.36
N VAL A 2 34.52 -4.05 14.03
CA VAL A 2 33.13 -4.38 13.77
C VAL A 2 32.21 -3.44 14.53
N LEU A 3 31.17 -2.96 13.85
CA LEU A 3 30.12 -2.12 14.43
C LEU A 3 28.96 -3.02 14.85
N THR A 4 28.66 -3.04 16.14
CA THR A 4 27.69 -3.98 16.70
C THR A 4 26.36 -3.28 16.95
N VAL A 5 25.28 -3.88 16.44
CA VAL A 5 23.94 -3.30 16.50
C VAL A 5 23.03 -4.29 17.23
N TYR A 6 22.41 -3.84 18.32
CA TYR A 6 21.27 -4.55 18.91
C TYR A 6 20.01 -4.18 18.14
N SER A 7 19.20 -5.18 17.78
CA SER A 7 17.94 -4.89 17.12
C SER A 7 16.87 -5.94 17.38
N PRO A 8 15.66 -5.55 17.79
CA PRO A 8 14.55 -6.51 17.86
C PRO A 8 13.92 -6.81 16.51
N TYR A 9 14.37 -6.17 15.44
CA TYR A 9 13.84 -6.45 14.12
C TYR A 9 14.41 -7.77 13.59
N GLN A 10 13.59 -8.50 12.84
CA GLN A 10 14.06 -9.67 12.14
C GLN A 10 15.23 -9.30 11.23
N SER A 11 16.32 -10.06 11.31
CA SER A 11 17.53 -9.71 10.59
C SER A 11 17.26 -9.64 9.08
N ASN A 12 16.44 -10.56 8.57
CA ASN A 12 16.15 -10.59 7.15
C ASN A 12 15.53 -9.29 6.63
N LEU A 13 14.91 -8.50 7.50
CA LEU A 13 14.30 -7.25 7.07
C LEU A 13 15.23 -6.05 7.16
N ILE A 14 16.23 -6.08 8.05
CA ILE A 14 17.15 -4.97 8.20
C ILE A 14 18.47 -5.19 7.46
N ARG A 15 18.79 -6.40 7.10
CA ARG A 15 20.05 -6.67 6.46
C ARG A 15 20.31 -5.94 5.17
N PRO A 16 19.34 -5.86 4.28
CA PRO A 16 19.58 -5.11 3.04
C PRO A 16 19.89 -3.65 3.29
N ILE A 17 19.23 -3.04 4.28
CA ILE A 17 19.44 -1.63 4.56
C ILE A 17 20.82 -1.41 5.16
N LEU A 18 21.20 -2.25 6.12
CA LEU A 18 22.51 -2.11 6.76
C LEU A 18 23.64 -2.53 5.83
N ASN A 19 23.40 -3.48 4.92
CA ASN A 19 24.45 -3.88 3.98
C ASN A 19 24.84 -2.71 3.08
N GLU A 20 23.89 -1.86 2.73
CA GLU A 20 24.21 -0.67 1.95
C GLU A 20 25.09 0.28 2.75
N PHE A 21 24.81 0.42 4.05
CA PHE A 21 25.68 1.21 4.92
C PHE A 21 27.07 0.59 5.02
N GLU A 22 27.13 -0.74 5.11
CA GLU A 22 28.42 -1.43 5.13
C GLU A 22 29.27 -1.04 3.93
N LYS A 23 28.66 -1.02 2.74
CA LYS A 23 29.40 -0.71 1.52
C LYS A 23 29.80 0.76 1.50
N GLN A 24 28.88 1.64 1.88
CA GLN A 24 29.14 3.08 1.85
C GLN A 24 30.26 3.46 2.80
N GLU A 25 30.34 2.81 3.96
CA GLU A 25 31.24 3.22 5.02
C GLU A 25 32.34 2.22 5.32
N HIS A 26 32.48 1.17 4.52
CA HIS A 26 33.58 0.22 4.64
C HIS A 26 33.72 -0.27 6.07
N VAL A 27 32.63 -0.86 6.56
CA VAL A 27 32.55 -1.36 7.93
C VAL A 27 31.61 -2.57 7.92
N LYS A 28 31.91 -3.54 8.76
CA LYS A 28 31.07 -4.71 8.94
C LYS A 28 30.15 -4.47 10.14
N ILE A 29 28.87 -4.77 9.97
CA ILE A 29 27.90 -4.67 11.05
C ILE A 29 27.58 -6.06 11.55
N GLU A 30 27.60 -6.22 12.87
CA GLU A 30 27.12 -7.42 13.54
C GLU A 30 25.82 -7.09 14.25
N ILE A 31 24.84 -7.97 14.13
CA ILE A 31 23.51 -7.75 14.67
C ILE A 31 23.28 -8.75 15.80
N LYS A 32 22.91 -8.24 16.97
CA LYS A 32 22.46 -9.07 18.09
C LYS A 32 20.93 -8.99 18.14
N HIS A 33 20.28 -10.14 18.05
CA HIS A 33 18.84 -10.22 17.93
C HIS A 33 18.20 -10.70 19.23
N GLY A 34 16.93 -10.35 19.37
CA GLY A 34 16.14 -10.77 20.51
C GLY A 34 14.91 -9.91 20.61
N SER A 35 14.12 -10.17 21.65
CA SER A 35 13.06 -9.25 21.97
C SER A 35 13.67 -7.95 22.48
N THR A 36 12.87 -6.88 22.43
CA THR A 36 13.37 -5.58 22.86
C THR A 36 13.88 -5.64 24.30
N GLN A 37 13.11 -6.27 25.19
CA GLN A 37 13.46 -6.29 26.61
C GLN A 37 14.61 -7.24 26.93
N VAL A 38 14.69 -8.38 26.23
CA VAL A 38 15.84 -9.26 26.40
C VAL A 38 17.13 -8.52 26.02
N LEU A 39 17.11 -7.84 24.87
CA LEU A 39 18.28 -7.09 24.44
C LEU A 39 18.63 -6.00 25.44
N LEU A 40 17.63 -5.25 25.91
CA LEU A 40 17.89 -4.18 26.87
C LEU A 40 18.45 -4.73 28.18
N SER A 41 17.97 -5.89 28.60
CA SER A 41 18.43 -6.46 29.87
C SER A 41 19.84 -7.03 29.75
N ASN A 42 20.11 -7.77 28.66
CA ASN A 42 21.46 -8.27 28.44
C ASN A 42 22.45 -7.12 28.29
N LEU A 43 22.06 -6.10 27.52
CA LEU A 43 22.89 -4.90 27.39
C LEU A 43 23.20 -4.33 28.77
N HIS A 44 22.20 -4.31 29.66
CA HIS A 44 22.37 -3.72 30.99
C HIS A 44 23.40 -4.49 31.80
N ASN A 45 23.40 -5.82 31.67
CA ASN A 45 24.29 -6.68 32.44
C ASN A 45 25.61 -6.97 31.73
N GLU A 46 25.86 -6.34 30.59
CA GLU A 46 27.15 -6.44 29.92
C GLU A 46 28.11 -5.39 30.50
N ASP A 47 29.38 -5.77 30.57
CA ASP A 47 30.41 -4.82 30.93
C ASP A 47 30.59 -3.79 29.80
N PHE A 48 30.97 -2.57 30.18
CA PHE A 48 31.22 -1.52 29.19
C PHE A 48 32.03 -2.04 27.99
N SER A 49 33.04 -2.86 28.26
CA SER A 49 33.95 -3.27 27.20
C SER A 49 33.36 -4.31 26.26
N GLU A 50 32.27 -4.98 26.63
CA GLU A 50 31.66 -5.99 25.78
C GLU A 50 30.37 -5.50 25.12
N ARG A 51 29.94 -4.28 25.42
CA ARG A 51 28.70 -3.76 24.84
C ARG A 51 28.88 -3.37 23.37
N GLY A 52 27.83 -3.57 22.60
CA GLY A 52 27.76 -3.05 21.25
C GLY A 52 27.57 -1.55 21.24
N ASP A 53 27.33 -1.03 20.03
CA ASP A 53 27.42 0.40 19.76
C ASP A 53 26.07 1.09 19.58
N VAL A 54 25.09 0.42 18.98
CA VAL A 54 23.83 1.07 18.60
C VAL A 54 22.69 0.12 18.93
N PHE A 55 21.61 0.68 19.46
CA PHE A 55 20.35 -0.04 19.63
C PHE A 55 19.39 0.49 18.57
N MET A 56 19.02 -0.36 17.63
CA MET A 56 18.24 0.01 16.46
C MET A 56 16.88 -0.67 16.51
N GLY A 57 15.83 0.11 16.69
CA GLY A 57 14.47 -0.40 16.66
C GLY A 57 13.90 -0.61 18.06
N GLY A 58 12.59 -0.87 18.08
CA GLY A 58 11.86 -0.98 19.31
C GLY A 58 11.39 0.36 19.84
N VAL A 59 10.35 0.34 20.67
CA VAL A 59 9.80 1.57 21.20
C VAL A 59 10.67 1.98 22.37
N LEU A 60 11.86 2.52 22.07
CA LEU A 60 12.87 2.72 23.09
C LEU A 60 12.46 3.79 24.10
N SER A 61 11.81 4.86 23.64
CA SER A 61 11.43 5.92 24.54
C SER A 61 10.33 5.52 25.52
N GLU A 62 9.69 4.34 25.32
CA GLU A 62 8.70 3.83 26.26
C GLU A 62 9.16 2.63 27.07
N THR A 63 10.29 2.00 26.72
CA THR A 63 10.70 0.76 27.35
C THR A 63 12.05 0.80 28.03
N ILE A 64 12.88 1.80 27.76
CA ILE A 64 14.19 1.89 28.40
C ILE A 64 13.98 2.21 29.88
N ASP A 65 14.33 1.27 30.75
CA ASP A 65 14.30 1.51 32.19
C ASP A 65 15.64 1.94 32.75
N HIS A 66 16.71 1.92 31.94
CA HIS A 66 18.06 2.25 32.39
C HIS A 66 18.65 3.27 31.43
N PRO A 67 18.26 4.54 31.54
CA PRO A 67 18.85 5.57 30.68
C PRO A 67 20.36 5.67 30.83
N GLU A 68 20.91 5.21 31.94
CA GLU A 68 22.36 5.27 32.15
C GLU A 68 23.12 4.34 31.20
N ASP A 69 22.45 3.42 30.53
CA ASP A 69 23.10 2.53 29.57
C ASP A 69 23.30 3.15 28.20
N PHE A 70 22.92 4.42 28.02
CA PHE A 70 22.88 5.02 26.69
C PHE A 70 23.51 6.40 26.74
N VAL A 71 23.87 6.89 25.57
CA VAL A 71 24.66 8.12 25.41
C VAL A 71 23.75 9.21 24.84
N PRO A 72 23.65 10.37 25.48
CA PRO A 72 22.90 11.47 24.87
C PRO A 72 23.42 11.82 23.49
N TYR A 73 22.51 11.86 22.52
CA TYR A 73 22.86 12.22 21.15
C TYR A 73 21.64 12.81 20.48
N GLN A 74 21.81 14.00 19.89
CA GLN A 74 20.75 14.66 19.13
C GLN A 74 21.12 14.59 17.65
N ASP A 75 20.30 13.88 16.88
CA ASP A 75 20.61 13.62 15.49
C ASP A 75 20.42 14.87 14.64
N THR A 76 21.22 14.95 13.57
CA THR A 76 21.07 16.04 12.61
C THR A 76 19.63 16.18 12.13
N SER A 77 18.95 15.06 11.91
CA SER A 77 17.63 15.03 11.29
C SER A 77 16.50 15.54 12.17
N VAL A 78 16.75 15.90 13.44
CA VAL A 78 15.63 16.08 14.37
C VAL A 78 14.76 17.26 13.93
N THR A 79 15.36 18.34 13.45
CA THR A 79 14.56 19.49 13.03
C THR A 79 13.67 19.15 11.84
N GLN A 80 13.95 18.06 11.13
CA GLN A 80 13.11 17.61 10.03
C GLN A 80 12.14 16.50 10.45
N GLN A 81 12.01 16.23 11.74
CA GLN A 81 11.13 15.18 12.24
C GLN A 81 9.78 15.78 12.64
N LEU A 82 8.73 14.98 12.46
CA LEU A 82 7.39 15.35 12.91
C LEU A 82 7.43 15.78 14.37
N GLU A 83 6.89 16.96 14.65
CA GLU A 83 7.05 17.56 15.97
C GLU A 83 6.41 16.73 17.07
N ASP A 84 5.28 16.07 16.78
CA ASP A 84 4.57 15.33 17.82
C ASP A 84 5.28 14.06 18.24
N TYR A 85 6.21 13.55 17.43
CA TYR A 85 6.83 12.27 17.66
C TYR A 85 8.34 12.37 17.85
N ARG A 86 8.87 13.58 17.88
CA ARG A 86 10.25 13.81 18.30
C ARG A 86 10.45 13.26 19.72
N SER A 87 11.64 12.67 19.94
CA SER A 87 11.87 11.85 21.12
C SER A 87 11.41 12.53 22.42
N ASN A 88 11.96 13.71 22.70
CA ASN A 88 11.87 14.40 23.98
C ASN A 88 12.70 13.76 25.10
N ASN A 89 13.61 12.86 24.78
CA ASN A 89 14.54 12.34 25.77
C ASN A 89 15.89 12.16 25.06
N LYS A 90 16.92 12.74 25.67
CA LYS A 90 18.17 13.04 24.98
C LYS A 90 18.90 11.81 24.43
N TYR A 91 18.56 10.61 24.89
CA TYR A 91 19.32 9.42 24.49
C TYR A 91 18.61 8.56 23.45
N VAL A 92 17.45 8.98 22.94
CA VAL A 92 16.74 8.27 21.89
C VAL A 92 16.51 9.20 20.71
N THR A 93 16.73 8.68 19.51
CA THR A 93 16.36 9.35 18.27
C THR A 93 15.16 8.60 17.69
N SER A 94 14.07 9.31 17.44
CA SER A 94 12.91 8.68 16.84
C SER A 94 13.22 8.27 15.40
N PHE A 95 12.64 7.15 14.98
CA PHE A 95 13.08 6.48 13.77
C PHE A 95 11.92 6.11 12.84
N LEU A 96 10.87 5.48 13.40
CA LEU A 96 9.74 5.02 12.60
C LEU A 96 8.48 5.10 13.43
N LEU A 97 7.35 5.13 12.75
CA LEU A 97 6.03 5.16 13.39
C LEU A 97 5.26 3.93 12.98
N MET A 98 4.64 3.28 13.95
CA MET A 98 3.98 2.00 13.74
C MET A 98 2.70 1.95 14.58
N PRO A 99 1.51 1.97 13.96
CA PRO A 99 0.28 1.83 14.75
C PRO A 99 0.16 0.46 15.36
N THR A 100 -0.26 0.42 16.63
CA THR A 100 -0.80 -0.81 17.18
C THR A 100 -2.25 -0.94 16.72
N VAL A 101 -2.73 -2.19 16.64
CA VAL A 101 -4.03 -2.45 16.05
C VAL A 101 -4.72 -3.60 16.78
N ILE A 102 -6.03 -3.68 16.60
CA ILE A 102 -6.78 -4.90 16.81
C ILE A 102 -6.88 -5.62 15.47
N VAL A 103 -6.52 -6.90 15.46
CA VAL A 103 -6.72 -7.75 14.28
C VAL A 103 -7.94 -8.60 14.53
N VAL A 104 -8.77 -8.76 13.49
CA VAL A 104 -10.03 -9.49 13.58
C VAL A 104 -10.03 -10.54 12.50
N ASN A 105 -10.45 -11.76 12.85
CA ASN A 105 -10.66 -12.79 11.85
C ASN A 105 -12.02 -12.53 11.21
N SER A 106 -12.01 -12.10 9.95
CA SER A 106 -13.22 -11.65 9.30
C SER A 106 -14.14 -12.80 8.89
N ASP A 107 -13.61 -14.01 8.75
CA ASP A 107 -14.47 -15.17 8.56
C ASP A 107 -15.27 -15.46 9.83
N LEU A 108 -14.62 -15.42 10.99
CA LEU A 108 -15.28 -15.71 12.25
C LEU A 108 -16.18 -14.59 12.76
N GLN A 109 -15.95 -13.35 12.31
CA GLN A 109 -16.58 -12.21 12.95
C GLN A 109 -18.09 -12.23 12.80
N GLY A 110 -18.57 -12.50 11.59
CA GLY A 110 -20.00 -12.48 11.35
C GLY A 110 -20.58 -11.12 11.67
N ASP A 111 -21.57 -11.10 12.57
CA ASP A 111 -22.24 -9.87 12.94
C ASP A 111 -21.66 -9.21 14.19
N ILE A 112 -20.61 -9.78 14.78
CA ILE A 112 -20.03 -9.20 15.97
C ILE A 112 -19.37 -7.88 15.61
N LYS A 113 -19.70 -6.83 16.36
CA LYS A 113 -19.15 -5.51 16.12
C LYS A 113 -17.88 -5.31 16.93
N ILE A 114 -16.80 -4.91 16.25
CA ILE A 114 -15.53 -4.64 16.89
C ILE A 114 -14.94 -3.36 16.31
N ARG A 115 -15.03 -2.27 17.06
CA ARG A 115 -14.41 -1.00 16.70
C ARG A 115 -13.29 -0.59 17.64
N GLY A 116 -13.15 -1.25 18.79
CA GLY A 116 -12.14 -0.85 19.74
C GLY A 116 -12.10 -1.80 20.92
N TYR A 117 -11.50 -1.31 22.01
CA TYR A 117 -11.22 -2.17 23.16
C TYR A 117 -12.49 -2.58 23.89
N GLN A 118 -13.45 -1.67 24.03
CA GLN A 118 -14.63 -1.98 24.82
C GLN A 118 -15.54 -2.99 24.11
N ASP A 119 -15.58 -2.95 22.77
CA ASP A 119 -16.28 -4.00 22.03
C ASP A 119 -15.66 -5.37 22.28
N LEU A 120 -14.36 -5.42 22.59
CA LEU A 120 -13.72 -6.70 22.87
C LEU A 120 -14.20 -7.33 24.16
N LEU A 121 -14.92 -6.58 24.99
CA LEU A 121 -15.45 -7.08 26.25
C LEU A 121 -16.83 -7.72 26.10
N GLN A 122 -17.35 -7.83 24.89
CA GLN A 122 -18.65 -8.45 24.70
C GLN A 122 -18.62 -9.89 25.20
N PRO A 123 -19.74 -10.38 25.74
CA PRO A 123 -19.75 -11.78 26.23
C PRO A 123 -19.42 -12.81 25.17
N ILE A 124 -19.87 -12.62 23.92
CA ILE A 124 -19.61 -13.61 22.88
C ILE A 124 -18.12 -13.77 22.62
N LEU A 125 -17.31 -12.78 23.01
CA LEU A 125 -15.87 -12.81 22.79
C LEU A 125 -15.09 -13.27 24.01
N LYS A 126 -15.76 -13.59 25.11
CA LYS A 126 -15.09 -13.94 26.35
C LYS A 126 -14.20 -15.17 26.15
N GLY A 127 -12.91 -15.03 26.45
CA GLY A 127 -12.01 -16.15 26.31
C GLY A 127 -11.66 -16.51 24.90
N LYS A 128 -12.10 -15.73 23.91
CA LYS A 128 -11.92 -16.07 22.51
C LYS A 128 -11.18 -14.96 21.77
N ILE A 129 -10.47 -14.11 22.51
CA ILE A 129 -9.57 -13.11 21.95
C ILE A 129 -8.26 -13.20 22.72
N ALA A 130 -7.22 -12.58 22.16
CA ALA A 130 -5.87 -12.82 22.66
C ALA A 130 -5.03 -11.55 22.60
N TYR A 131 -4.08 -11.46 23.51
CA TYR A 131 -3.04 -10.44 23.52
C TYR A 131 -1.76 -11.10 23.97
N SER A 132 -0.65 -10.37 23.87
CA SER A 132 0.65 -10.90 24.27
C SER A 132 1.08 -10.28 25.60
N ASN A 133 1.82 -11.07 26.37
CA ASN A 133 2.28 -10.74 27.71
C ASN A 133 2.89 -9.33 27.75
N PRO A 134 2.27 -8.38 28.47
CA PRO A 134 2.83 -7.02 28.50
C PRO A 134 4.13 -6.92 29.27
N ASN A 135 4.44 -7.89 30.13
CA ASN A 135 5.67 -7.84 30.90
C ASN A 135 6.89 -8.20 30.05
N THR A 136 6.69 -8.97 28.98
CA THR A 136 7.79 -9.45 28.16
C THR A 136 7.75 -8.97 26.72
N THR A 137 6.63 -8.42 26.25
CA THR A 137 6.51 -7.95 24.88
C THR A 137 6.14 -6.48 24.88
N THR A 138 6.76 -5.74 23.97
CA THR A 138 6.45 -4.31 23.82
C THR A 138 5.03 -4.11 23.31
N THR A 139 4.55 -4.99 22.44
CA THR A 139 3.22 -4.82 21.87
C THR A 139 2.14 -4.97 22.95
N GLY A 140 2.29 -5.98 23.81
CA GLY A 140 1.36 -6.12 24.92
C GLY A 140 1.42 -4.93 25.85
N TYR A 141 2.63 -4.46 26.17
CA TYR A 141 2.80 -3.29 27.02
C TYR A 141 2.08 -2.07 26.44
N GLN A 142 2.31 -1.79 25.16
CA GLN A 142 1.70 -0.61 24.54
C GLN A 142 0.18 -0.70 24.55
N HIS A 143 -0.36 -1.89 24.30
CA HIS A 143 -1.81 -2.05 24.31
C HIS A 143 -2.39 -1.83 25.70
N MET A 144 -1.69 -2.28 26.75
CA MET A 144 -2.16 -2.05 28.10
C MET A 144 -2.11 -0.57 28.45
N ARG A 145 -1.11 0.15 27.94
CA ARG A 145 -1.10 1.61 28.08
C ARG A 145 -2.28 2.24 27.36
N ALA A 146 -2.64 1.71 26.19
CA ALA A 146 -3.80 2.24 25.47
C ALA A 146 -5.08 2.02 26.25
N ILE A 147 -5.26 0.82 26.80
CA ILE A 147 -6.45 0.55 27.61
C ILE A 147 -6.46 1.43 28.85
N TYR A 148 -5.30 1.57 29.50
CA TYR A 148 -5.22 2.44 30.65
C TYR A 148 -5.56 3.88 30.28
N SER A 149 -5.22 4.31 29.06
CA SER A 149 -5.43 5.69 28.69
C SER A 149 -6.91 6.03 28.45
N MET A 150 -7.79 5.04 28.32
CA MET A 150 -9.20 5.34 28.07
C MET A 150 -9.79 6.13 29.22
N HIS A 151 -9.64 5.64 30.46
CA HIS A 151 -10.17 6.30 31.65
C HIS A 151 -9.12 6.45 32.74
N HIS A 152 -7.86 6.13 32.45
CA HIS A 152 -6.79 6.09 33.45
C HIS A 152 -7.16 5.22 34.63
N ARG A 153 -7.69 4.03 34.33
CA ARG A 153 -8.09 3.07 35.35
C ARG A 153 -7.35 1.76 35.13
N VAL A 154 -6.54 1.37 36.11
CA VAL A 154 -5.93 0.04 36.10
C VAL A 154 -7.01 -1.04 36.04
N SER A 155 -8.19 -0.76 36.61
CA SER A 155 -9.24 -1.78 36.61
C SER A 155 -9.73 -2.08 35.20
N ASP A 156 -9.59 -1.14 34.26
CA ASP A 156 -9.90 -1.43 32.86
C ASP A 156 -8.91 -2.44 32.28
N VAL A 157 -7.63 -2.32 32.65
CA VAL A 157 -6.63 -3.29 32.23
C VAL A 157 -6.96 -4.67 32.79
N HIS A 158 -7.23 -4.74 34.10
CA HIS A 158 -7.53 -6.02 34.73
C HIS A 158 -8.78 -6.64 34.12
N GLN A 159 -9.80 -5.82 33.85
CA GLN A 159 -11.02 -6.32 33.22
C GLN A 159 -10.71 -6.97 31.87
N PHE A 160 -9.94 -6.29 31.03
CA PHE A 160 -9.58 -6.86 29.74
C PHE A 160 -8.82 -8.17 29.91
N GLN A 161 -7.92 -8.22 30.90
CA GLN A 161 -7.13 -9.43 31.13
C GLN A 161 -7.97 -10.57 31.68
N ASN A 162 -9.17 -10.28 32.18
CA ASN A 162 -10.11 -11.33 32.57
C ASN A 162 -11.04 -11.72 31.43
N HIS A 163 -10.85 -11.11 30.25
CA HIS A 163 -11.63 -11.40 29.07
C HIS A 163 -10.82 -12.02 27.95
N ALA A 164 -9.53 -11.70 27.86
CA ALA A 164 -8.66 -12.12 26.76
C ALA A 164 -7.60 -13.09 27.25
N MET A 165 -7.26 -14.04 26.37
CA MET A 165 -6.17 -14.97 26.64
C MET A 165 -4.82 -14.29 26.46
N GLN A 166 -3.91 -14.50 27.41
CA GLN A 166 -2.56 -13.97 27.29
C GLN A 166 -1.65 -15.01 26.65
N LEU A 167 -0.96 -14.60 25.59
CA LEU A 167 0.00 -15.44 24.90
C LEU A 167 1.40 -14.94 25.18
N SER A 168 2.37 -15.84 25.06
CA SER A 168 3.75 -15.52 25.41
C SER A 168 4.48 -14.71 24.34
N LYS A 169 3.98 -14.70 23.11
CA LYS A 169 4.65 -14.01 22.01
C LYS A 169 3.65 -13.22 21.19
N THR A 170 4.07 -12.02 20.78
CA THR A 170 3.23 -11.19 19.91
C THR A 170 2.94 -11.89 18.58
N SER A 171 3.93 -12.61 18.04
CA SER A 171 3.73 -13.28 16.76
C SER A 171 2.65 -14.36 16.85
N LYS A 172 2.43 -14.92 18.04
CA LYS A 172 1.38 -15.93 18.18
C LYS A 172 -0.01 -15.32 18.07
N VAL A 173 -0.18 -14.06 18.50
CA VAL A 173 -1.50 -13.43 18.43
C VAL A 173 -1.99 -13.40 16.99
N ILE A 174 -1.21 -12.79 16.10
CA ILE A 174 -1.65 -12.63 14.72
C ILE A 174 -1.81 -14.00 14.06
N GLU A 175 -0.91 -14.95 14.36
CA GLU A 175 -0.99 -16.26 13.75
C GLU A 175 -2.27 -16.98 14.17
N ASP A 176 -2.57 -16.97 15.47
CA ASP A 176 -3.75 -17.66 15.97
C ASP A 176 -5.04 -16.98 15.54
N VAL A 177 -5.04 -15.67 15.39
CA VAL A 177 -6.21 -14.99 14.85
C VAL A 177 -6.35 -15.28 13.36
N ALA A 178 -5.24 -15.17 12.62
CA ALA A 178 -5.28 -15.42 11.19
C ALA A 178 -5.78 -16.82 10.89
N LYS A 179 -5.39 -17.80 11.70
CA LYS A 179 -5.76 -19.18 11.46
C LYS A 179 -7.07 -19.59 12.12
N GLY A 180 -7.77 -18.66 12.74
CA GLY A 180 -9.10 -18.93 13.25
C GLY A 180 -9.18 -19.48 14.65
N LYS A 181 -8.08 -19.43 15.42
CA LYS A 181 -8.15 -19.90 16.80
C LYS A 181 -8.83 -18.89 17.71
N TYR A 182 -8.77 -17.60 17.36
CA TYR A 182 -9.40 -16.53 18.13
C TYR A 182 -10.15 -15.61 17.18
N TYR A 183 -11.20 -14.97 17.70
CA TYR A 183 -11.94 -13.98 16.91
C TYR A 183 -11.09 -12.75 16.60
N ALA A 184 -10.25 -12.35 17.56
CA ALA A 184 -9.55 -11.08 17.44
C ALA A 184 -8.39 -11.08 18.42
N GLY A 185 -7.45 -10.16 18.20
CA GLY A 185 -6.31 -10.05 19.09
C GLY A 185 -5.64 -8.70 18.96
N LEU A 186 -4.76 -8.42 19.92
CA LEU A 186 -4.02 -7.17 19.98
C LEU A 186 -2.66 -7.35 19.34
N SER A 187 -2.40 -6.60 18.28
CA SER A 187 -1.20 -6.80 17.47
C SER A 187 -0.70 -5.42 17.05
N TYR A 188 0.05 -5.37 15.95
CA TYR A 188 0.50 -4.10 15.38
C TYR A 188 0.49 -4.23 13.86
N GLU A 189 0.59 -3.07 13.20
CA GLU A 189 0.19 -3.00 11.79
C GLU A 189 1.02 -3.92 10.92
N GLN A 190 2.34 -3.94 11.10
CA GLN A 190 3.20 -4.73 10.23
C GLN A 190 2.86 -6.22 10.31
N ASP A 191 2.79 -6.78 11.53
CA ASP A 191 2.35 -8.16 11.70
C ASP A 191 1.00 -8.40 11.03
N ALA A 192 0.03 -7.53 11.30
CA ALA A 192 -1.30 -7.70 10.73
C ALA A 192 -1.25 -7.73 9.21
N ARG A 193 -0.57 -6.75 8.61
CA ARG A 193 -0.47 -6.69 7.14
C ARG A 193 0.26 -7.90 6.60
N THR A 194 1.36 -8.29 7.24
CA THR A 194 2.10 -9.47 6.81
C THR A 194 1.18 -10.66 6.62
N TRP A 195 0.34 -10.94 7.62
CA TRP A 195 -0.50 -12.13 7.56
C TRP A 195 -1.73 -11.91 6.69
N LYS A 196 -2.28 -10.69 6.67
CA LYS A 196 -3.30 -10.36 5.68
C LYS A 196 -2.80 -10.62 4.26
N ASN A 197 -1.58 -10.19 3.97
CA ASN A 197 -1.04 -10.33 2.64
C ASN A 197 -0.74 -11.78 2.28
N LYS A 198 -0.60 -12.65 3.29
CA LYS A 198 -0.49 -14.08 3.01
C LYS A 198 -1.80 -14.67 2.52
N GLY A 199 -2.91 -13.93 2.60
CA GLY A 199 -4.21 -14.40 2.19
C GLY A 199 -5.13 -14.79 3.32
N TYR A 200 -4.73 -14.60 4.58
CA TYR A 200 -5.60 -14.95 5.69
C TYR A 200 -6.69 -13.88 5.87
N PRO A 201 -7.84 -14.27 6.43
CA PRO A 201 -8.97 -13.30 6.58
C PRO A 201 -8.78 -12.38 7.78
N VAL A 202 -7.86 -11.44 7.64
CA VAL A 202 -7.44 -10.54 8.71
C VAL A 202 -7.96 -9.14 8.38
N SER A 203 -8.81 -8.60 9.25
CA SER A 203 -9.19 -7.21 9.20
C SER A 203 -8.44 -6.43 10.28
N ILE A 204 -8.12 -5.18 9.96
CA ILE A 204 -7.32 -4.33 10.83
C ILE A 204 -8.23 -3.24 11.39
N VAL A 205 -8.22 -3.09 12.71
CA VAL A 205 -9.06 -2.12 13.40
C VAL A 205 -8.16 -1.23 14.26
N TYR A 206 -8.24 0.08 14.04
CA TYR A 206 -7.57 1.04 14.91
C TYR A 206 -8.50 1.37 16.07
N PRO A 207 -8.18 0.99 17.32
CA PRO A 207 -9.13 1.17 18.42
C PRO A 207 -9.73 2.57 18.47
N ILE A 208 -11.06 2.64 18.33
CA ILE A 208 -11.73 3.93 18.21
C ILE A 208 -11.50 4.76 19.46
N GLU A 209 -11.47 4.13 20.65
CA GLU A 209 -11.33 4.90 21.87
C GLU A 209 -10.09 5.73 21.59
N GLY A 210 -8.94 5.09 21.48
CA GLY A 210 -7.70 5.77 21.20
C GLY A 210 -6.67 4.75 20.78
N THR A 211 -5.97 5.03 19.69
CA THR A 211 -5.00 4.11 19.12
C THR A 211 -3.61 4.53 19.53
N MET A 212 -2.84 3.58 20.05
CA MET A 212 -1.46 3.84 20.45
C MET A 212 -0.55 3.73 19.23
N LEU A 213 0.22 4.78 18.98
CA LEU A 213 1.21 4.78 17.91
C LEU A 213 2.55 4.45 18.53
N ASN A 214 3.20 3.40 18.03
CA ASN A 214 4.57 3.09 18.44
C ASN A 214 5.53 4.04 17.75
N VAL A 215 6.38 4.69 18.52
CA VAL A 215 7.50 5.46 17.99
C VAL A 215 8.74 4.60 18.20
N ASP A 216 9.21 3.96 17.14
CA ASP A 216 10.46 3.23 17.22
C ASP A 216 11.63 4.22 17.24
N GLY A 217 12.71 3.83 17.89
CA GLY A 217 13.81 4.74 18.14
C GLY A 217 15.16 4.08 17.91
N ILE A 218 16.18 4.92 17.89
CA ILE A 218 17.57 4.50 17.82
C ILE A 218 18.32 5.17 18.96
N ALA A 219 19.20 4.42 19.62
CA ALA A 219 19.98 4.95 20.73
C ALA A 219 21.42 4.50 20.62
N LEU A 220 22.34 5.41 20.97
CA LEU A 220 23.74 5.05 21.11
C LEU A 220 23.96 4.39 22.46
N VAL A 221 24.70 3.28 22.47
CA VAL A 221 24.91 2.51 23.69
C VAL A 221 26.19 3.00 24.35
N LYS A 222 26.14 3.19 25.67
CA LYS A 222 27.31 3.65 26.40
C LYS A 222 28.25 2.46 26.62
N ASN A 223 29.44 2.54 26.05
CA ASN A 223 30.42 1.47 26.15
C ASN A 223 31.81 2.10 26.27
N ALA A 224 32.82 1.23 26.39
CA ALA A 224 34.18 1.70 26.63
C ALA A 224 34.84 2.26 25.38
N HIS A 225 34.53 1.70 24.21
CA HIS A 225 35.19 2.06 22.96
C HIS A 225 34.15 2.22 21.86
N PRO A 226 33.54 3.39 21.78
CA PRO A 226 32.47 3.58 20.78
C PRO A 226 33.01 3.53 19.35
N HIS A 227 32.26 2.86 18.49
CA HIS A 227 32.67 2.74 17.09
C HIS A 227 32.55 4.10 16.39
N PRO A 228 33.58 4.54 15.67
CA PRO A 228 33.52 5.88 15.05
C PRO A 228 32.43 6.05 14.01
N LYS A 229 31.88 4.97 13.44
CA LYS A 229 30.86 5.07 12.40
C LYS A 229 29.44 5.04 12.96
N ARG A 230 29.26 4.98 14.28
CA ARG A 230 27.93 4.69 14.81
C ARG A 230 26.99 5.88 14.65
N LYS A 231 27.48 7.11 14.86
CA LYS A 231 26.63 8.27 14.64
C LYS A 231 26.23 8.39 13.17
N LYS A 232 27.15 8.05 12.27
CA LYS A 232 26.80 8.01 10.85
C LYS A 232 25.72 6.96 10.56
N LEU A 233 25.70 5.87 11.31
CA LEU A 233 24.63 4.89 11.12
C LEU A 233 23.27 5.49 11.49
N VAL A 234 23.21 6.23 12.59
CA VAL A 234 21.96 6.89 12.98
C VAL A 234 21.54 7.90 11.92
N GLN A 235 22.47 8.74 11.49
CA GLN A 235 22.15 9.72 10.46
C GLN A 235 21.69 9.05 9.18
N TYR A 236 22.33 7.92 8.82
CA TYR A 236 21.92 7.17 7.66
C TYR A 236 20.49 6.64 7.80
N LEU A 237 20.16 6.08 8.96
CA LEU A 237 18.84 5.47 9.14
C LEU A 237 17.73 6.50 9.23
N THR A 238 18.04 7.73 9.63
CA THR A 238 17.06 8.81 9.67
C THR A 238 17.17 9.72 8.46
N SER A 239 18.01 9.39 7.51
CA SER A 239 18.14 10.21 6.31
C SER A 239 16.87 10.10 5.47
N ARG A 240 16.64 11.11 4.65
CA ARG A 240 15.42 11.14 3.85
C ARG A 240 15.32 9.96 2.90
N SER A 241 16.44 9.60 2.25
CA SER A 241 16.38 8.57 1.23
C SER A 241 16.19 7.18 1.84
N VAL A 242 16.77 6.93 3.03
CA VAL A 242 16.53 5.65 3.69
C VAL A 242 15.12 5.60 4.25
N GLN A 243 14.65 6.71 4.83
CA GLN A 243 13.28 6.76 5.32
C GLN A 243 12.29 6.53 4.19
N GLN A 244 12.54 7.13 3.03
CA GLN A 244 11.70 6.87 1.86
C GLN A 244 11.71 5.38 1.51
N ARG A 245 12.88 4.75 1.56
CA ARG A 245 12.96 3.32 1.26
C ARG A 245 12.19 2.49 2.29
N LEU A 246 12.16 2.92 3.55
CA LEU A 246 11.49 2.13 4.58
C LEU A 246 9.97 2.21 4.41
N VAL A 247 9.45 3.40 4.12
CA VAL A 247 8.01 3.53 3.87
C VAL A 247 7.62 2.69 2.67
N ALA A 248 8.48 2.63 1.65
CA ALA A 248 8.16 1.89 0.43
C ALA A 248 8.25 0.38 0.64
N GLU A 249 9.13 -0.07 1.54
CA GLU A 249 9.35 -1.50 1.74
C GLU A 249 8.59 -2.07 2.93
N PHE A 250 8.01 -1.24 3.79
CA PHE A 250 7.41 -1.73 5.02
C PHE A 250 6.13 -0.97 5.30
N ASP A 251 5.30 -1.56 6.16
CA ASP A 251 4.05 -0.94 6.59
C ASP A 251 4.32 0.00 7.77
N ALA A 252 5.35 0.82 7.64
CA ALA A 252 5.70 1.81 8.65
C ALA A 252 5.68 3.20 8.01
N LYS A 253 5.49 4.20 8.85
CA LYS A 253 5.50 5.59 8.43
C LYS A 253 6.79 6.25 8.88
N SER A 254 7.27 7.18 8.06
CA SER A 254 8.52 7.86 8.35
C SER A 254 8.35 8.83 9.51
N ILE A 255 9.44 9.05 10.25
CA ILE A 255 9.48 10.09 11.27
C ILE A 255 9.67 11.48 10.69
N ARG A 256 9.92 11.59 9.38
CA ARG A 256 10.32 12.85 8.77
C ARG A 256 9.14 13.65 8.21
N LYS A 257 9.21 14.97 8.42
CA LYS A 257 8.26 15.90 7.81
C LYS A 257 8.23 15.73 6.29
N ASP A 258 9.40 15.61 5.67
CA ASP A 258 9.55 15.68 4.22
C ASP A 258 9.46 14.31 3.54
N VAL A 259 8.87 13.33 4.20
CA VAL A 259 8.66 12.01 3.62
C VAL A 259 7.17 11.71 3.70
N SER A 260 6.60 11.27 2.58
CA SER A 260 5.16 11.09 2.50
C SER A 260 4.77 9.71 2.98
N GLU A 261 3.51 9.57 3.35
CA GLU A 261 2.98 8.28 3.77
C GLU A 261 2.60 7.40 2.59
N GLN A 262 2.73 7.90 1.36
CA GLN A 262 2.33 7.13 0.20
C GLN A 262 3.25 5.92 0.06
N SER A 263 2.65 4.78 -0.30
CA SER A 263 3.40 3.55 -0.49
C SER A 263 2.47 2.54 -1.16
N ASP A 264 3.05 1.68 -1.97
CA ASP A 264 2.20 0.74 -2.70
C ASP A 264 1.49 -0.30 -1.81
N GLN A 265 1.44 -0.30 -0.48
CA GLN A 265 0.68 -1.34 0.21
C GLN A 265 -0.56 -0.70 0.82
N SER A 266 -1.31 -1.54 1.53
CA SER A 266 -2.27 -1.18 2.57
C SER A 266 -1.86 -0.42 3.83
N ILE A 267 -2.27 0.84 3.96
CA ILE A 267 -1.88 1.66 5.11
C ILE A 267 -2.90 2.77 5.24
N GLU A 268 -3.40 3.03 6.45
CA GLU A 268 -4.16 4.27 6.69
C GLU A 268 -3.21 5.44 6.94
N ASN A 269 -3.69 6.64 6.64
CA ASN A 269 -2.90 7.83 6.92
C ASN A 269 -3.08 8.24 8.38
N LEU A 270 -1.99 8.73 8.98
CA LEU A 270 -2.03 9.09 10.39
C LEU A 270 -3.20 10.00 10.71
N LYS A 271 -3.51 10.95 9.82
CA LYS A 271 -4.53 11.93 10.12
C LYS A 271 -5.92 11.30 10.23
N ASN A 272 -6.11 10.11 9.67
CA ASN A 272 -7.38 9.41 9.75
C ASN A 272 -7.43 8.38 10.86
N ILE A 273 -6.36 8.24 11.64
CA ILE A 273 -6.31 7.26 12.71
C ILE A 273 -6.72 7.94 14.00
N PRO A 274 -7.61 7.36 14.82
CA PRO A 274 -8.04 8.00 16.08
C PRO A 274 -7.01 7.85 17.19
N LEU A 275 -5.96 8.66 17.13
CA LEU A 275 -4.85 8.51 18.05
C LEU A 275 -5.22 9.00 19.44
N ILE A 276 -4.58 8.41 20.45
CA ILE A 276 -4.85 8.81 21.83
C ILE A 276 -4.46 10.28 22.00
N PRO A 277 -5.30 11.13 22.59
CA PRO A 277 -4.87 12.50 22.87
C PRO A 277 -3.57 12.49 23.66
N LYS A 278 -2.64 13.34 23.25
CA LYS A 278 -1.32 13.35 23.85
C LYS A 278 -1.40 13.55 25.36
N SER A 279 -2.31 14.40 25.80
CA SER A 279 -2.50 14.66 27.22
C SER A 279 -3.11 13.45 27.91
N LYS A 280 -3.14 12.32 27.21
CA LYS A 280 -3.70 11.09 27.75
C LYS A 280 -2.61 10.05 27.95
N LEU A 281 -1.69 9.96 26.99
CA LEU A 281 -0.60 9.01 27.06
C LEU A 281 0.04 9.03 28.44
N PRO A 282 -0.12 7.94 29.19
CA PRO A 282 0.42 7.85 30.56
C PRO A 282 1.92 8.14 30.57
N ASP A 283 2.31 9.12 31.37
CA ASP A 283 3.71 9.52 31.50
C ASP A 283 4.34 8.76 32.67
N ILE A 284 4.51 7.46 32.47
CA ILE A 284 4.89 6.55 33.55
C ILE A 284 6.02 5.67 33.05
N PRO A 285 7.13 5.55 33.79
CA PRO A 285 8.21 4.66 33.35
C PRO A 285 7.72 3.24 33.09
N HIS A 286 8.40 2.57 32.16
CA HIS A 286 8.03 1.21 31.77
C HIS A 286 7.85 0.31 32.99
N HIS A 287 8.91 0.16 33.80
CA HIS A 287 8.84 -0.74 34.94
C HIS A 287 7.77 -0.32 35.94
N LYS A 288 7.55 0.99 36.11
CA LYS A 288 6.55 1.43 37.08
C LYS A 288 5.14 1.14 36.59
N PHE A 289 4.88 1.32 35.29
CA PHE A 289 3.57 0.96 34.75
C PHE A 289 3.28 -0.52 34.94
N LEU A 290 4.27 -1.38 34.69
CA LEU A 290 4.05 -2.82 34.85
C LEU A 290 3.79 -3.19 36.30
N GLU A 291 4.47 -2.53 37.23
CA GLU A 291 4.18 -2.74 38.65
C GLU A 291 2.78 -2.25 38.99
N MET A 292 2.35 -1.16 38.36
CA MET A 292 1.01 -0.63 38.60
C MET A 292 -0.07 -1.65 38.26
N ILE A 293 0.09 -2.39 37.16
CA ILE A 293 -0.95 -3.30 36.68
C ILE A 293 -0.74 -4.73 37.16
N GLN A 294 0.40 -5.03 37.78
CA GLN A 294 0.67 -6.36 38.34
C GLN A 294 -0.28 -6.67 39.49
N ASN B 1 -2.02 -29.05 -9.74
CA ASN B 1 -2.38 -28.16 -10.84
C ASN B 1 -2.33 -26.70 -10.41
N VAL B 2 -1.48 -25.91 -11.06
CA VAL B 2 -1.34 -24.51 -10.74
C VAL B 2 -2.20 -23.65 -11.67
N LEU B 3 -2.83 -22.62 -11.10
CA LEU B 3 -3.69 -21.73 -11.86
C LEU B 3 -2.86 -20.53 -12.31
N THR B 4 -2.73 -20.35 -13.62
CA THR B 4 -1.85 -19.33 -14.18
C THR B 4 -2.65 -18.11 -14.62
N VAL B 5 -2.22 -16.94 -14.17
CA VAL B 5 -2.91 -15.69 -14.42
C VAL B 5 -1.95 -14.75 -15.14
N TYR B 6 -2.36 -14.28 -16.32
CA TYR B 6 -1.72 -13.14 -16.95
C TYR B 6 -2.29 -11.86 -16.35
N SER B 7 -1.40 -10.92 -15.97
CA SER B 7 -1.89 -9.65 -15.49
C SER B 7 -0.91 -8.52 -15.80
N PRO B 8 -1.37 -7.43 -16.39
CA PRO B 8 -0.52 -6.24 -16.52
C PRO B 8 -0.41 -5.42 -15.25
N TYR B 9 -1.10 -5.82 -14.17
CA TYR B 9 -0.98 -5.12 -12.91
C TYR B 9 0.32 -5.47 -12.22
N GLN B 10 0.87 -4.50 -11.50
CA GLN B 10 2.05 -4.74 -10.68
C GLN B 10 1.77 -5.90 -9.73
N SER B 11 2.67 -6.90 -9.73
CA SER B 11 2.41 -8.14 -9.01
C SER B 11 2.24 -7.90 -7.52
N ASN B 12 3.10 -7.08 -6.92
CA ASN B 12 3.03 -6.84 -5.49
C ASN B 12 1.71 -6.22 -5.07
N LEU B 13 0.97 -5.62 -6.00
CA LEU B 13 -0.33 -5.02 -5.67
C LEU B 13 -1.49 -6.00 -5.79
N ILE B 14 -1.37 -7.05 -6.61
CA ILE B 14 -2.43 -8.05 -6.74
C ILE B 14 -2.14 -9.29 -5.89
N ARG B 15 -0.89 -9.51 -5.50
CA ARG B 15 -0.54 -10.73 -4.79
C ARG B 15 -1.37 -10.92 -3.52
N PRO B 16 -1.59 -9.90 -2.68
CA PRO B 16 -2.41 -10.13 -1.48
C PRO B 16 -3.82 -10.60 -1.77
N ILE B 17 -4.45 -10.05 -2.82
CA ILE B 17 -5.83 -10.41 -3.13
C ILE B 17 -5.89 -11.83 -3.66
N LEU B 18 -4.98 -12.18 -4.57
CA LEU B 18 -4.95 -13.53 -5.12
C LEU B 18 -4.51 -14.55 -4.06
N ASN B 19 -3.68 -14.13 -3.10
CA ASN B 19 -3.29 -15.04 -2.03
C ASN B 19 -4.49 -15.45 -1.20
N GLU B 20 -5.45 -14.55 -1.00
CA GLU B 20 -6.66 -14.93 -0.29
C GLU B 20 -7.48 -15.93 -1.10
N PHE B 21 -7.53 -15.76 -2.42
CA PHE B 21 -8.19 -16.77 -3.25
C PHE B 21 -7.47 -18.11 -3.15
N GLU B 22 -6.13 -18.09 -3.11
CA GLU B 22 -5.37 -19.32 -2.94
C GLU B 22 -5.86 -20.11 -1.73
N LYS B 23 -6.02 -19.42 -0.59
CA LYS B 23 -6.46 -20.12 0.62
C LYS B 23 -7.93 -20.51 0.56
N GLN B 24 -8.79 -19.64 0.02
CA GLN B 24 -10.21 -19.98 -0.05
C GLN B 24 -10.43 -21.24 -0.90
N GLU B 25 -9.67 -21.38 -1.98
CA GLU B 25 -9.91 -22.45 -2.95
C GLU B 25 -8.78 -23.47 -3.01
N HIS B 26 -7.82 -23.39 -2.10
CA HIS B 26 -6.77 -24.40 -1.96
C HIS B 26 -6.10 -24.67 -3.30
N VAL B 27 -5.57 -23.61 -3.87
CA VAL B 27 -4.93 -23.65 -5.18
C VAL B 27 -3.82 -22.62 -5.18
N LYS B 28 -2.74 -22.92 -5.90
CA LYS B 28 -1.64 -21.99 -6.06
C LYS B 28 -1.81 -21.23 -7.36
N ILE B 29 -1.61 -19.91 -7.30
CA ILE B 29 -1.68 -19.05 -8.47
C ILE B 29 -0.27 -18.63 -8.85
N GLU B 30 0.04 -18.72 -10.13
CA GLU B 30 1.26 -18.15 -10.69
C GLU B 30 0.90 -16.99 -11.59
N ILE B 31 1.66 -15.89 -11.50
CA ILE B 31 1.36 -14.66 -12.22
C ILE B 31 2.40 -14.45 -13.31
N LYS B 32 1.94 -14.22 -14.54
CA LYS B 32 2.79 -13.77 -15.62
C LYS B 32 2.56 -12.28 -15.83
N HIS B 33 3.63 -11.49 -15.71
CA HIS B 33 3.52 -10.03 -15.77
C HIS B 33 4.11 -9.49 -17.06
N GLY B 34 3.63 -8.30 -17.41
CA GLY B 34 4.11 -7.57 -18.57
C GLY B 34 3.12 -6.48 -18.89
N SER B 35 3.40 -5.74 -19.96
CA SER B 35 2.39 -4.81 -20.46
C SER B 35 1.23 -5.59 -21.04
N THR B 36 0.08 -4.92 -21.15
CA THR B 36 -1.11 -5.58 -21.67
C THR B 36 -0.84 -6.21 -23.04
N GLN B 37 -0.17 -5.47 -23.93
CA GLN B 37 0.01 -5.94 -25.29
C GLN B 37 1.09 -7.01 -25.39
N VAL B 38 2.15 -6.92 -24.58
CA VAL B 38 3.15 -7.99 -24.54
C VAL B 38 2.49 -9.29 -24.10
N LEU B 39 1.69 -9.24 -23.03
CA LEU B 39 1.01 -10.44 -22.56
C LEU B 39 0.07 -11.00 -23.62
N LEU B 40 -0.73 -10.13 -24.24
CA LEU B 40 -1.67 -10.60 -25.26
C LEU B 40 -0.92 -11.19 -26.45
N SER B 41 0.24 -10.62 -26.79
CA SER B 41 0.99 -11.12 -27.94
C SER B 41 1.67 -12.45 -27.61
N ASN B 42 2.28 -12.55 -26.43
CA ASN B 42 2.89 -13.83 -26.02
C ASN B 42 1.83 -14.92 -25.91
N LEU B 43 0.69 -14.61 -25.29
CA LEU B 43 -0.41 -15.55 -25.20
C LEU B 43 -0.81 -16.05 -26.59
N HIS B 44 -0.86 -15.15 -27.56
CA HIS B 44 -1.29 -15.52 -28.91
C HIS B 44 -0.32 -16.53 -29.53
N ASN B 45 0.98 -16.35 -29.28
CA ASN B 45 2.01 -17.21 -29.86
C ASN B 45 2.36 -18.39 -28.99
N GLU B 46 1.66 -18.60 -27.88
CA GLU B 46 1.82 -19.79 -27.06
C GLU B 46 0.94 -20.92 -27.59
N ASP B 47 1.44 -22.15 -27.47
CA ASP B 47 0.62 -23.31 -27.78
C ASP B 47 -0.50 -23.46 -26.75
N PHE B 48 -1.62 -24.00 -27.22
CA PHE B 48 -2.78 -24.28 -26.38
C PHE B 48 -2.38 -24.97 -25.08
N SER B 49 -1.47 -25.94 -25.19
CA SER B 49 -1.06 -26.74 -24.04
C SER B 49 -0.14 -25.97 -23.10
N GLU B 50 0.39 -24.83 -23.55
CA GLU B 50 1.33 -24.02 -22.81
C GLU B 50 0.70 -22.75 -22.23
N ARG B 51 -0.57 -22.47 -22.56
CA ARG B 51 -1.26 -21.27 -22.13
C ARG B 51 -1.73 -21.34 -20.68
N GLY B 52 -1.72 -20.19 -20.03
CA GLY B 52 -2.36 -20.02 -18.74
C GLY B 52 -3.88 -19.98 -18.87
N ASP B 53 -4.52 -19.64 -17.76
CA ASP B 53 -5.96 -19.82 -17.59
C ASP B 53 -6.77 -18.53 -17.60
N VAL B 54 -6.24 -17.44 -17.05
CA VAL B 54 -7.01 -16.23 -16.85
C VAL B 54 -6.14 -15.03 -17.21
N PHE B 55 -6.76 -14.06 -17.91
CA PHE B 55 -6.15 -12.76 -18.15
C PHE B 55 -6.88 -11.76 -17.24
N MET B 56 -6.15 -11.19 -16.29
CA MET B 56 -6.71 -10.34 -15.25
C MET B 56 -6.15 -8.93 -15.39
N GLY B 57 -7.00 -7.98 -15.75
CA GLY B 57 -6.61 -6.59 -15.82
C GLY B 57 -6.34 -6.14 -17.25
N GLY B 58 -6.19 -4.83 -17.38
CA GLY B 58 -6.04 -4.21 -18.68
C GLY B 58 -7.39 -3.96 -19.34
N VAL B 59 -7.41 -3.01 -20.27
CA VAL B 59 -8.65 -2.66 -20.94
C VAL B 59 -8.87 -3.66 -22.07
N LEU B 60 -9.31 -4.87 -21.69
CA LEU B 60 -9.29 -6.00 -22.62
C LEU B 60 -10.29 -5.83 -23.75
N SER B 61 -11.47 -5.30 -23.46
CA SER B 61 -12.48 -5.15 -24.51
C SER B 61 -12.11 -4.10 -25.54
N GLU B 62 -11.06 -3.31 -25.31
CA GLU B 62 -10.55 -2.37 -26.30
C GLU B 62 -9.23 -2.79 -26.93
N THR B 63 -8.54 -3.81 -26.40
CA THR B 63 -7.20 -4.14 -26.86
C THR B 63 -7.03 -5.56 -27.39
N ILE B 64 -7.99 -6.46 -27.14
CA ILE B 64 -7.85 -7.82 -27.66
C ILE B 64 -8.05 -7.78 -29.17
N ASP B 65 -6.99 -8.12 -29.91
CA ASP B 65 -7.08 -8.26 -31.36
C ASP B 65 -7.30 -9.70 -31.80
N HIS B 66 -7.23 -10.66 -30.87
CA HIS B 66 -7.35 -12.09 -31.20
C HIS B 66 -8.40 -12.69 -30.28
N PRO B 67 -9.69 -12.44 -30.55
CA PRO B 67 -10.74 -13.04 -29.70
C PRO B 67 -10.72 -14.56 -29.68
N GLU B 68 -10.15 -15.21 -30.69
CA GLU B 68 -10.10 -16.67 -30.71
C GLU B 68 -9.21 -17.23 -29.62
N ASP B 69 -8.39 -16.41 -28.98
CA ASP B 69 -7.51 -16.85 -27.89
C ASP B 69 -8.24 -16.92 -26.55
N PHE B 70 -9.54 -16.65 -26.52
CA PHE B 70 -10.27 -16.51 -25.28
C PHE B 70 -11.58 -17.28 -25.35
N VAL B 71 -12.14 -17.57 -24.19
CA VAL B 71 -13.31 -18.44 -24.07
C VAL B 71 -14.50 -17.59 -23.66
N PRO B 72 -15.61 -17.64 -24.40
CA PRO B 72 -16.82 -16.92 -23.96
C PRO B 72 -17.23 -17.33 -22.56
N TYR B 73 -17.45 -16.35 -21.70
CA TYR B 73 -17.90 -16.60 -20.34
C TYR B 73 -18.68 -15.40 -19.82
N GLN B 74 -19.86 -15.67 -19.27
CA GLN B 74 -20.72 -14.65 -18.67
C GLN B 74 -20.69 -14.82 -17.16
N ASP B 75 -20.18 -13.81 -16.47
CA ASP B 75 -20.00 -13.92 -15.03
C ASP B 75 -21.35 -13.83 -14.32
N THR B 76 -21.44 -14.54 -13.19
CA THR B 76 -22.64 -14.48 -12.36
C THR B 76 -22.98 -13.04 -11.98
N SER B 77 -21.96 -12.22 -11.70
CA SER B 77 -22.14 -10.87 -11.18
C SER B 77 -22.69 -9.89 -12.21
N VAL B 78 -22.93 -10.33 -13.45
CA VAL B 78 -23.14 -9.37 -14.54
C VAL B 78 -24.40 -8.54 -14.29
N THR B 79 -25.47 -9.17 -13.80
CA THR B 79 -26.69 -8.43 -13.54
C THR B 79 -26.51 -7.39 -12.44
N GLN B 80 -25.44 -7.50 -11.66
CA GLN B 80 -25.12 -6.54 -10.60
C GLN B 80 -24.11 -5.49 -11.04
N GLN B 81 -23.77 -5.43 -12.32
CA GLN B 81 -22.80 -4.48 -12.83
C GLN B 81 -23.49 -3.26 -13.42
N LEU B 82 -22.81 -2.12 -13.31
CA LEU B 82 -23.29 -0.89 -13.94
C LEU B 82 -23.58 -1.14 -15.41
N GLU B 83 -24.81 -0.79 -15.82
CA GLU B 83 -25.29 -1.17 -17.14
C GLU B 83 -24.47 -0.53 -18.27
N ASP B 84 -23.95 0.68 -18.05
CA ASP B 84 -23.22 1.36 -19.11
C ASP B 84 -21.85 0.74 -19.35
N TYR B 85 -21.35 -0.06 -18.42
CA TYR B 85 -19.98 -0.57 -18.47
C TYR B 85 -19.93 -2.09 -18.49
N ARG B 86 -21.07 -2.75 -18.57
CA ARG B 86 -21.08 -4.18 -18.88
C ARG B 86 -20.35 -4.44 -20.19
N SER B 87 -19.68 -5.59 -20.25
CA SER B 87 -18.69 -5.87 -21.28
C SER B 87 -19.18 -5.49 -22.67
N ASN B 88 -20.32 -6.04 -23.09
CA ASN B 88 -20.76 -5.99 -24.49
C ASN B 88 -19.89 -6.88 -25.35
N ASN B 89 -19.13 -7.76 -24.70
CA ASN B 89 -18.16 -8.62 -25.38
C ASN B 89 -18.15 -9.97 -24.68
N LYS B 90 -18.44 -11.04 -25.44
CA LYS B 90 -18.76 -12.33 -24.85
C LYS B 90 -17.61 -12.95 -24.07
N TYR B 91 -16.37 -12.56 -24.36
CA TYR B 91 -15.20 -13.20 -23.76
C TYR B 91 -14.52 -12.34 -22.72
N VAL B 92 -15.07 -11.18 -22.39
CA VAL B 92 -14.53 -10.30 -21.36
C VAL B 92 -15.60 -10.03 -20.33
N THR B 93 -15.20 -10.08 -19.05
CA THR B 93 -16.01 -9.65 -17.94
C THR B 93 -15.43 -8.34 -17.42
N SER B 94 -16.25 -7.30 -17.34
CA SER B 94 -15.77 -6.04 -16.81
C SER B 94 -15.45 -6.17 -15.33
N PHE B 95 -14.44 -5.43 -14.89
CA PHE B 95 -13.81 -5.68 -13.59
C PHE B 95 -13.64 -4.39 -12.79
N LEU B 96 -13.07 -3.35 -13.42
CA LEU B 96 -12.81 -2.09 -12.73
C LEU B 96 -12.96 -0.94 -13.72
N LEU B 97 -13.18 0.25 -13.16
CA LEU B 97 -13.31 1.48 -13.94
C LEU B 97 -12.21 2.44 -13.53
N MET B 98 -11.57 3.05 -14.53
CA MET B 98 -10.43 3.92 -14.28
C MET B 98 -10.45 5.08 -15.27
N PRO B 99 -10.71 6.31 -14.82
CA PRO B 99 -10.66 7.44 -15.74
C PRO B 99 -9.25 7.70 -16.23
N THR B 100 -9.12 7.97 -17.53
CA THR B 100 -7.93 8.60 -18.05
C THR B 100 -8.01 10.09 -17.76
N VAL B 101 -6.85 10.74 -17.65
CA VAL B 101 -6.78 12.12 -17.21
C VAL B 101 -5.67 12.86 -17.93
N ILE B 102 -5.76 14.17 -17.91
CA ILE B 102 -4.63 15.06 -18.10
C ILE B 102 -4.08 15.39 -16.72
N VAL B 103 -2.78 15.21 -16.54
CA VAL B 103 -2.11 15.63 -15.31
C VAL B 103 -1.38 16.91 -15.60
N VAL B 104 -1.45 17.86 -14.66
CA VAL B 104 -0.86 19.18 -14.84
C VAL B 104 0.05 19.46 -13.66
N ASN B 105 1.24 20.00 -13.94
CA ASN B 105 2.12 20.48 -12.89
C ASN B 105 1.62 21.85 -12.45
N SER B 106 1.08 21.94 -11.24
CA SER B 106 0.43 23.16 -10.79
C SER B 106 1.42 24.24 -10.41
N ASP B 107 2.66 23.89 -10.10
CA ASP B 107 3.70 24.90 -9.94
C ASP B 107 4.02 25.58 -11.26
N LEU B 108 4.14 24.80 -12.34
CA LEU B 108 4.51 25.35 -13.64
C LEU B 108 3.34 26.05 -14.33
N GLN B 109 2.10 25.74 -13.97
CA GLN B 109 0.95 26.13 -14.78
C GLN B 109 0.77 27.63 -14.84
N GLY B 110 0.84 28.30 -13.70
CA GLY B 110 0.61 29.73 -13.67
C GLY B 110 -0.78 30.05 -14.21
N ASP B 111 -0.82 30.92 -15.23
CA ASP B 111 -2.07 31.36 -15.82
C ASP B 111 -2.47 30.55 -17.05
N ILE B 112 -1.70 29.53 -17.43
CA ILE B 112 -2.05 28.73 -18.60
C ILE B 112 -3.33 27.96 -18.30
N LYS B 113 -4.28 28.05 -19.21
CA LYS B 113 -5.57 27.40 -19.07
C LYS B 113 -5.49 26.01 -19.68
N ILE B 114 -5.86 25.00 -18.90
CA ILE B 114 -5.89 23.62 -19.38
C ILE B 114 -7.16 22.97 -18.87
N ARG B 115 -8.15 22.81 -19.75
CA ARG B 115 -9.37 22.10 -19.42
C ARG B 115 -9.52 20.80 -20.21
N GLY B 116 -8.74 20.61 -21.26
CA GLY B 116 -8.91 19.45 -22.10
C GLY B 116 -7.86 19.39 -23.19
N TYR B 117 -8.16 18.59 -24.21
CA TYR B 117 -7.16 18.29 -25.23
C TYR B 117 -6.84 19.50 -26.09
N GLN B 118 -7.84 20.31 -26.40
CA GLN B 118 -7.60 21.45 -27.29
C GLN B 118 -6.79 22.54 -26.60
N ASP B 119 -6.98 22.73 -25.29
CA ASP B 119 -6.11 23.64 -24.54
C ASP B 119 -4.65 23.19 -24.59
N LEU B 120 -4.41 21.89 -24.72
CA LEU B 120 -3.05 21.39 -24.79
C LEU B 120 -2.35 21.78 -26.07
N LEU B 121 -3.07 22.27 -27.07
CA LEU B 121 -2.49 22.68 -28.34
C LEU B 121 -2.03 24.14 -28.33
N GLN B 122 -2.13 24.82 -27.19
CA GLN B 122 -1.69 26.21 -27.13
C GLN B 122 -0.21 26.32 -27.50
N PRO B 123 0.21 27.42 -28.12
CA PRO B 123 1.63 27.56 -28.48
C PRO B 123 2.57 27.48 -27.29
N ILE B 124 2.18 28.02 -26.14
CA ILE B 124 3.06 28.02 -24.96
C ILE B 124 3.37 26.60 -24.49
N LEU B 125 2.54 25.61 -24.84
CA LEU B 125 2.74 24.25 -24.38
C LEU B 125 3.40 23.36 -25.42
N LYS B 126 3.71 23.91 -26.59
CA LYS B 126 4.29 23.13 -27.69
C LYS B 126 5.62 22.51 -27.27
N GLY B 127 5.73 21.20 -27.41
CA GLY B 127 6.94 20.49 -27.05
C GLY B 127 7.18 20.35 -25.57
N LYS B 128 6.25 20.80 -24.74
CA LYS B 128 6.43 20.83 -23.28
C LYS B 128 5.33 20.06 -22.58
N ILE B 129 4.64 19.17 -23.31
CA ILE B 129 3.68 18.24 -22.74
C ILE B 129 4.01 16.87 -23.29
N ALA B 130 3.45 15.83 -22.66
CA ALA B 130 3.89 14.48 -22.94
C ALA B 130 2.73 13.49 -22.92
N TYR B 131 2.88 12.43 -23.69
CA TYR B 131 1.98 11.29 -23.65
C TYR B 131 2.83 10.03 -23.88
N SER B 132 2.22 8.86 -23.72
CA SER B 132 2.92 7.60 -23.89
C SER B 132 2.51 6.95 -25.21
N ASN B 133 3.46 6.22 -25.78
CA ASN B 133 3.35 5.58 -27.09
C ASN B 133 2.05 4.78 -27.21
N PRO B 134 1.12 5.18 -28.09
CA PRO B 134 -0.15 4.43 -28.20
C PRO B 134 0.01 3.06 -28.83
N ASN B 135 1.12 2.79 -29.53
CA ASN B 135 1.32 1.48 -30.12
C ASN B 135 1.74 0.44 -29.09
N THR B 136 2.34 0.86 -27.98
CA THR B 136 2.85 -0.04 -26.98
C THR B 136 2.18 0.11 -25.62
N THR B 137 1.46 1.20 -25.37
CA THR B 137 0.79 1.41 -24.10
C THR B 137 -0.70 1.57 -24.31
N THR B 138 -1.46 0.96 -23.40
CA THR B 138 -2.91 1.07 -23.42
C THR B 138 -3.36 2.49 -23.09
N THR B 139 -2.65 3.18 -22.20
CA THR B 139 -3.03 4.53 -21.81
C THR B 139 -2.88 5.51 -22.98
N GLY B 140 -1.77 5.43 -23.69
CA GLY B 140 -1.61 6.24 -24.89
C GLY B 140 -2.67 5.93 -25.93
N TYR B 141 -2.93 4.63 -26.14
CA TYR B 141 -3.96 4.21 -27.08
C TYR B 141 -5.32 4.82 -26.71
N GLN B 142 -5.72 4.69 -25.46
CA GLN B 142 -7.02 5.21 -25.04
C GLN B 142 -7.09 6.73 -25.24
N HIS B 143 -6.00 7.44 -24.95
CA HIS B 143 -5.99 8.89 -25.13
C HIS B 143 -6.12 9.26 -26.59
N MET B 144 -5.50 8.50 -27.50
CA MET B 144 -5.66 8.79 -28.91
C MET B 144 -7.08 8.52 -29.38
N ARG B 145 -7.73 7.50 -28.81
CA ARG B 145 -9.15 7.28 -29.10
C ARG B 145 -9.99 8.46 -28.62
N ALA B 146 -9.67 9.01 -27.45
CA ALA B 146 -10.41 10.16 -26.94
C ALA B 146 -10.23 11.37 -27.84
N ILE B 147 -8.99 11.64 -28.27
CA ILE B 147 -8.75 12.76 -29.17
C ILE B 147 -9.48 12.51 -30.50
N TYR B 148 -9.43 11.27 -30.99
CA TYR B 148 -10.13 10.96 -32.23
C TYR B 148 -11.63 11.17 -32.07
N SER B 149 -12.17 10.90 -30.87
CA SER B 149 -13.60 10.97 -30.69
C SER B 149 -14.14 12.40 -30.66
N MET B 150 -13.27 13.41 -30.54
CA MET B 150 -13.75 14.79 -30.50
C MET B 150 -14.48 15.16 -31.78
N HIS B 151 -13.84 14.93 -32.93
CA HIS B 151 -14.43 15.21 -34.23
C HIS B 151 -14.34 14.03 -35.19
N HIS B 152 -13.91 12.85 -34.70
CA HIS B 152 -13.65 11.69 -35.55
C HIS B 152 -12.71 12.03 -36.69
N ARG B 153 -11.63 12.73 -36.36
CA ARG B 153 -10.62 13.13 -37.33
C ARG B 153 -9.25 12.60 -36.91
N VAL B 154 -8.67 11.74 -37.76
CA VAL B 154 -7.28 11.33 -37.59
C VAL B 154 -6.36 12.54 -37.55
N SER B 155 -6.72 13.62 -38.25
CA SER B 155 -5.85 14.79 -38.29
C SER B 155 -5.74 15.46 -36.92
N ASP B 156 -6.74 15.29 -36.06
CA ASP B 156 -6.62 15.79 -34.69
C ASP B 156 -5.59 14.98 -33.92
N VAL B 157 -5.52 13.67 -34.14
CA VAL B 157 -4.50 12.85 -33.50
C VAL B 157 -3.12 13.29 -33.96
N HIS B 158 -2.93 13.39 -35.28
CA HIS B 158 -1.63 13.78 -35.81
C HIS B 158 -1.23 15.17 -35.34
N GLN B 159 -2.19 16.10 -35.30
CA GLN B 159 -1.89 17.43 -34.79
C GLN B 159 -1.39 17.35 -33.35
N PHE B 160 -2.08 16.61 -32.49
CA PHE B 160 -1.62 16.46 -31.11
C PHE B 160 -0.23 15.83 -31.06
N GLN B 161 0.02 14.83 -31.91
CA GLN B 161 1.33 14.17 -31.90
C GLN B 161 2.44 15.07 -32.43
N ASN B 162 2.10 16.15 -33.12
CA ASN B 162 3.08 17.15 -33.52
C ASN B 162 3.24 18.25 -32.48
N HIS B 163 2.52 18.14 -31.37
CA HIS B 163 2.57 19.10 -30.28
C HIS B 163 3.12 18.54 -28.98
N ALA B 164 2.92 17.25 -28.72
CA ALA B 164 3.31 16.62 -27.47
C ALA B 164 4.43 15.63 -27.69
N MET B 165 5.32 15.53 -26.68
CA MET B 165 6.40 14.54 -26.69
C MET B 165 5.85 13.16 -26.38
N GLN B 166 6.27 12.17 -27.19
CA GLN B 166 5.89 10.78 -26.96
C GLN B 166 6.94 10.09 -26.11
N LEU B 167 6.51 9.45 -25.03
CA LEU B 167 7.36 8.68 -24.14
C LEU B 167 7.09 7.19 -24.30
N SER B 168 8.09 6.38 -23.96
CA SER B 168 8.02 4.95 -24.16
C SER B 168 7.20 4.24 -23.10
N LYS B 169 6.98 4.86 -21.93
CA LYS B 169 6.26 4.23 -20.84
C LYS B 169 5.26 5.20 -20.25
N THR B 170 4.08 4.69 -19.90
CA THR B 170 3.07 5.52 -19.25
C THR B 170 3.59 6.10 -17.93
N SER B 171 4.37 5.31 -17.19
CA SER B 171 4.89 5.78 -15.90
C SER B 171 5.83 6.97 -16.05
N LYS B 172 6.48 7.13 -17.21
CA LYS B 172 7.36 8.28 -17.40
C LYS B 172 6.57 9.57 -17.49
N VAL B 173 5.34 9.52 -18.02
CA VAL B 173 4.54 10.73 -18.18
C VAL B 173 4.30 11.39 -16.83
N ILE B 174 3.70 10.64 -15.89
CA ILE B 174 3.36 11.24 -14.60
C ILE B 174 4.61 11.65 -13.86
N GLU B 175 5.67 10.85 -13.95
CA GLU B 175 6.90 11.17 -13.24
C GLU B 175 7.52 12.46 -13.78
N ASP B 176 7.62 12.59 -15.10
CA ASP B 176 8.23 13.78 -15.67
C ASP B 176 7.36 15.02 -15.48
N VAL B 177 6.03 14.87 -15.47
CA VAL B 177 5.17 16.02 -15.18
C VAL B 177 5.30 16.39 -13.71
N ALA B 178 5.23 15.40 -12.82
CA ALA B 178 5.32 15.67 -11.39
C ALA B 178 6.62 16.38 -11.03
N LYS B 179 7.73 16.01 -11.70
CA LYS B 179 9.03 16.55 -11.37
C LYS B 179 9.35 17.83 -12.13
N GLY B 180 8.40 18.36 -12.89
CA GLY B 180 8.57 19.66 -13.51
C GLY B 180 9.24 19.64 -14.87
N LYS B 181 9.41 18.48 -15.49
CA LYS B 181 10.00 18.45 -16.83
C LYS B 181 8.98 18.81 -17.91
N TYR B 182 7.69 18.61 -17.66
CA TYR B 182 6.63 18.97 -18.60
C TYR B 182 5.54 19.70 -17.86
N TYR B 183 4.84 20.58 -18.59
CA TYR B 183 3.69 21.27 -18.00
C TYR B 183 2.56 20.30 -17.71
N ALA B 184 2.38 19.31 -18.58
CA ALA B 184 1.20 18.46 -18.51
C ALA B 184 1.45 17.20 -19.33
N GLY B 185 0.63 16.19 -19.08
CA GLY B 185 0.77 14.95 -19.82
C GLY B 185 -0.51 14.14 -19.76
N LEU B 186 -0.57 13.13 -20.62
CA LEU B 186 -1.71 12.23 -20.69
C LEU B 186 -1.44 11.00 -19.86
N SER B 187 -2.26 10.76 -18.85
CA SER B 187 -2.04 9.71 -17.88
C SER B 187 -3.38 9.09 -17.53
N TYR B 188 -3.46 8.47 -16.35
CA TYR B 188 -4.73 7.96 -15.84
C TYR B 188 -4.75 8.22 -14.33
N GLU B 189 -5.96 8.12 -13.75
CA GLU B 189 -6.19 8.77 -12.47
C GLU B 189 -5.32 8.18 -11.36
N GLN B 190 -5.19 6.86 -11.31
CA GLN B 190 -4.43 6.24 -10.22
C GLN B 190 -2.98 6.72 -10.22
N ASP B 191 -2.31 6.67 -11.37
CA ASP B 191 -0.96 7.21 -11.46
C ASP B 191 -0.93 8.64 -10.93
N ALA B 192 -1.89 9.46 -11.35
CA ALA B 192 -1.92 10.85 -10.92
C ALA B 192 -2.00 10.95 -9.40
N ARG B 193 -2.93 10.22 -8.79
CA ARG B 193 -3.09 10.27 -7.33
C ARG B 193 -1.87 9.75 -6.61
N THR B 194 -1.30 8.65 -7.10
CA THR B 194 -0.08 8.10 -6.49
C THR B 194 0.95 9.20 -6.30
N TRP B 195 1.22 9.98 -7.34
CA TRP B 195 2.25 11.01 -7.27
C TRP B 195 1.75 12.27 -6.56
N LYS B 196 0.46 12.58 -6.71
CA LYS B 196 -0.14 13.64 -5.90
C LYS B 196 0.06 13.35 -4.42
N ASN B 197 -0.18 12.09 -4.02
CA ASN B 197 -0.08 11.69 -2.62
C ASN B 197 1.36 11.70 -2.10
N LYS B 198 2.36 11.58 -2.97
CA LYS B 198 3.74 11.73 -2.53
C LYS B 198 4.12 13.18 -2.26
N GLY B 199 3.24 14.13 -2.58
CA GLY B 199 3.51 15.52 -2.34
C GLY B 199 3.90 16.32 -3.56
N TYR B 200 3.88 15.71 -4.74
CA TYR B 200 4.22 16.45 -5.95
C TYR B 200 3.08 17.37 -6.36
N PRO B 201 3.38 18.49 -7.04
CA PRO B 201 2.34 19.48 -7.42
C PRO B 201 1.57 19.07 -8.67
N VAL B 202 0.69 18.08 -8.51
CA VAL B 202 -0.05 17.46 -9.61
C VAL B 202 -1.53 17.79 -9.46
N SER B 203 -2.08 18.43 -10.49
CA SER B 203 -3.53 18.60 -10.63
C SER B 203 -4.06 17.63 -11.68
N ILE B 204 -5.28 17.18 -11.47
CA ILE B 204 -5.93 16.19 -12.34
C ILE B 204 -7.05 16.90 -13.11
N VAL B 205 -7.06 16.72 -14.43
CA VAL B 205 -8.04 17.33 -15.31
C VAL B 205 -8.72 16.23 -16.09
N TYR B 206 -10.02 16.14 -15.94
CA TYR B 206 -10.84 15.34 -16.78
C TYR B 206 -11.20 16.09 -18.06
N PRO B 207 -10.63 15.63 -19.17
CA PRO B 207 -10.90 16.22 -20.49
C PRO B 207 -12.34 16.73 -20.58
N ILE B 208 -12.50 18.00 -20.92
CA ILE B 208 -13.81 18.62 -21.01
C ILE B 208 -14.54 18.20 -22.29
N GLU B 209 -13.78 18.00 -23.36
CA GLU B 209 -14.36 17.63 -24.63
C GLU B 209 -15.04 16.28 -24.33
N GLY B 210 -14.27 15.30 -23.90
CA GLY B 210 -14.78 14.02 -23.53
C GLY B 210 -13.69 13.24 -22.84
N THR B 211 -14.01 12.58 -21.74
CA THR B 211 -13.03 11.85 -20.95
C THR B 211 -13.20 10.36 -21.20
N MET B 212 -12.10 9.70 -21.56
CA MET B 212 -12.15 8.27 -21.80
C MET B 212 -12.07 7.52 -20.48
N LEU B 213 -13.05 6.66 -20.25
CA LEU B 213 -13.08 5.81 -19.06
C LEU B 213 -12.53 4.44 -19.44
N ASN B 214 -11.48 4.02 -18.76
CA ASN B 214 -10.96 2.67 -18.94
C ASN B 214 -11.86 1.69 -18.19
N VAL B 215 -12.35 0.68 -18.91
CA VAL B 215 -13.03 -0.45 -18.30
C VAL B 215 -12.06 -1.61 -18.33
N ASP B 216 -11.44 -1.90 -17.19
CA ASP B 216 -10.59 -3.08 -17.08
C ASP B 216 -11.45 -4.34 -17.02
N GLY B 217 -10.89 -5.43 -17.55
CA GLY B 217 -11.67 -6.64 -17.73
C GLY B 217 -10.90 -7.88 -17.32
N ILE B 218 -11.62 -8.99 -17.26
CA ILE B 218 -11.08 -10.31 -17.01
C ILE B 218 -11.55 -11.22 -18.12
N ALA B 219 -10.67 -12.07 -18.63
CA ALA B 219 -11.01 -13.00 -19.69
C ALA B 219 -10.46 -14.38 -19.40
N LEU B 220 -11.24 -15.41 -19.71
CA LEU B 220 -10.76 -16.77 -19.68
C LEU B 220 -9.96 -17.08 -20.95
N VAL B 221 -8.82 -17.73 -20.79
CA VAL B 221 -7.91 -18.01 -21.88
C VAL B 221 -8.21 -19.38 -22.47
N LYS B 222 -8.20 -19.48 -23.80
CA LYS B 222 -8.45 -20.73 -24.48
C LYS B 222 -7.19 -21.59 -24.40
N ASN B 223 -7.27 -22.73 -23.74
CA ASN B 223 -6.12 -23.62 -23.61
C ASN B 223 -6.60 -25.06 -23.64
N ALA B 224 -5.65 -25.99 -23.55
CA ALA B 224 -5.96 -27.40 -23.68
C ALA B 224 -6.61 -27.97 -22.41
N HIS B 225 -6.23 -27.46 -21.24
CA HIS B 225 -6.65 -28.02 -19.97
C HIS B 225 -7.05 -26.89 -19.03
N PRO B 226 -8.29 -26.42 -19.14
CA PRO B 226 -8.71 -25.27 -18.32
C PRO B 226 -8.72 -25.62 -16.85
N HIS B 227 -8.20 -24.72 -16.03
CA HIS B 227 -8.14 -24.97 -14.60
C HIS B 227 -9.56 -24.92 -14.02
N PRO B 228 -9.96 -25.93 -13.23
CA PRO B 228 -11.34 -25.95 -12.73
C PRO B 228 -11.70 -24.76 -11.83
N LYS B 229 -10.72 -24.07 -11.25
CA LYS B 229 -10.99 -22.97 -10.34
C LYS B 229 -11.04 -21.60 -11.01
N ARG B 230 -10.89 -21.54 -12.33
CA ARG B 230 -10.70 -20.24 -12.97
C ARG B 230 -11.99 -19.42 -13.01
N LYS B 231 -13.14 -20.07 -13.23
CA LYS B 231 -14.39 -19.33 -13.19
C LYS B 231 -14.67 -18.81 -11.79
N LYS B 232 -14.32 -19.59 -10.76
CA LYS B 232 -14.44 -19.11 -9.40
C LYS B 232 -13.53 -17.91 -9.15
N LEU B 233 -12.38 -17.84 -9.82
CA LEU B 233 -11.53 -16.67 -9.68
C LEU B 233 -12.21 -15.43 -10.25
N VAL B 234 -12.85 -15.55 -11.41
CA VAL B 234 -13.57 -14.42 -11.99
C VAL B 234 -14.67 -13.96 -11.05
N GLN B 235 -15.47 -14.91 -10.54
CA GLN B 235 -16.54 -14.59 -9.61
C GLN B 235 -16.00 -13.94 -8.35
N TYR B 236 -14.85 -14.43 -7.87
CA TYR B 236 -14.22 -13.85 -6.69
C TYR B 236 -13.83 -12.40 -6.94
N LEU B 237 -13.23 -12.13 -8.10
CA LEU B 237 -12.72 -10.80 -8.40
C LEU B 237 -13.83 -9.79 -8.65
N THR B 238 -15.00 -10.25 -9.07
CA THR B 238 -16.16 -9.38 -9.29
C THR B 238 -17.16 -9.45 -8.14
N SER B 239 -16.83 -10.17 -7.06
CA SER B 239 -17.73 -10.23 -5.92
C SER B 239 -17.76 -8.90 -5.20
N ARG B 240 -18.83 -8.68 -4.43
CA ARG B 240 -19.00 -7.40 -3.74
C ARG B 240 -17.87 -7.14 -2.75
N SER B 241 -17.47 -8.16 -2.00
CA SER B 241 -16.49 -7.95 -0.93
C SER B 241 -15.09 -7.70 -1.48
N VAL B 242 -14.72 -8.34 -2.59
CA VAL B 242 -13.43 -8.05 -3.21
C VAL B 242 -13.45 -6.69 -3.88
N GLN B 243 -14.56 -6.37 -4.56
CA GLN B 243 -14.69 -5.05 -5.16
C GLN B 243 -14.64 -3.96 -4.10
N GLN B 244 -15.30 -4.17 -2.97
CA GLN B 244 -15.21 -3.22 -1.86
C GLN B 244 -13.77 -3.05 -1.41
N ARG B 245 -13.03 -4.15 -1.30
CA ARG B 245 -11.64 -4.07 -0.89
C ARG B 245 -10.79 -3.32 -1.92
N LEU B 246 -11.15 -3.45 -3.20
CA LEU B 246 -10.36 -2.81 -4.25
C LEU B 246 -10.59 -1.31 -4.28
N VAL B 247 -11.84 -0.87 -4.14
CA VAL B 247 -12.12 0.56 -4.06
C VAL B 247 -11.45 1.16 -2.83
N ALA B 248 -11.43 0.42 -1.72
CA ALA B 248 -10.85 0.94 -0.48
C ALA B 248 -9.33 0.98 -0.55
N GLU B 249 -8.72 0.06 -1.30
CA GLU B 249 -7.27 -0.06 -1.35
C GLU B 249 -6.65 0.62 -2.57
N PHE B 250 -7.45 1.03 -3.55
CA PHE B 250 -6.93 1.56 -4.80
C PHE B 250 -7.80 2.73 -5.27
N ASP B 251 -7.21 3.55 -6.14
CA ASP B 251 -7.92 4.66 -6.75
C ASP B 251 -8.69 4.19 -7.98
N ALA B 252 -9.42 3.09 -7.83
CA ALA B 252 -10.26 2.57 -8.90
C ALA B 252 -11.70 2.51 -8.40
N LYS B 253 -12.62 2.51 -9.34
CA LYS B 253 -14.04 2.43 -9.03
C LYS B 253 -14.55 1.03 -9.36
N SER B 254 -15.50 0.56 -8.55
CA SER B 254 -16.05 -0.77 -8.74
C SER B 254 -16.94 -0.80 -9.97
N ILE B 255 -17.00 -1.99 -10.60
CA ILE B 255 -17.94 -2.23 -11.69
C ILE B 255 -19.36 -2.48 -11.20
N ARG B 256 -19.55 -2.60 -9.89
CA ARG B 256 -20.82 -3.03 -9.30
C ARG B 256 -21.69 -1.85 -8.91
N LYS B 257 -23.00 -1.95 -9.18
CA LYS B 257 -23.93 -0.95 -8.66
C LYS B 257 -23.84 -0.83 -7.16
N ASP B 258 -23.74 -1.96 -6.45
CA ASP B 258 -23.90 -1.98 -5.00
C ASP B 258 -22.59 -1.72 -4.26
N VAL B 259 -21.60 -1.16 -4.94
CA VAL B 259 -20.35 -0.73 -4.31
C VAL B 259 -20.18 0.75 -4.62
N SER B 260 -19.90 1.53 -3.57
CA SER B 260 -19.86 2.98 -3.68
C SER B 260 -18.45 3.47 -4.00
N GLU B 261 -18.39 4.70 -4.51
CA GLU B 261 -17.13 5.33 -4.89
C GLU B 261 -16.40 5.93 -3.69
N GLN B 262 -15.10 6.18 -3.89
CA GLN B 262 -14.23 6.72 -2.85
C GLN B 262 -14.64 8.14 -2.45
N SER B 263 -14.49 8.42 -1.15
CA SER B 263 -14.89 9.67 -0.51
C SER B 263 -14.04 10.89 -0.89
N ASP B 264 -14.32 11.43 -2.07
CA ASP B 264 -14.26 12.86 -2.35
C ASP B 264 -12.86 13.34 -1.95
N GLN B 265 -11.78 12.70 -2.41
CA GLN B 265 -10.47 13.30 -2.16
C GLN B 265 -10.41 14.40 -3.24
N SER B 266 -9.23 14.95 -3.52
CA SER B 266 -9.15 15.71 -4.76
C SER B 266 -9.46 14.61 -5.76
N ILE B 267 -10.70 14.56 -6.25
CA ILE B 267 -11.25 13.42 -6.96
C ILE B 267 -12.62 13.82 -7.45
N GLU B 268 -13.20 12.98 -8.29
CA GLU B 268 -14.57 13.11 -8.64
C GLU B 268 -15.36 11.86 -8.76
N ASN B 269 -16.66 11.98 -8.67
CA ASN B 269 -17.53 10.86 -8.84
C ASN B 269 -17.93 10.75 -10.32
N LEU B 270 -18.24 9.56 -10.77
CA LEU B 270 -18.52 9.32 -12.18
C LEU B 270 -19.50 10.27 -12.80
N LYS B 271 -20.58 10.54 -12.09
CA LYS B 271 -21.65 11.36 -12.65
C LYS B 271 -21.22 12.79 -12.93
N ASN B 272 -20.14 13.25 -12.31
CA ASN B 272 -19.63 14.59 -12.54
C ASN B 272 -18.48 14.63 -13.54
N ILE B 273 -18.11 13.49 -14.12
CA ILE B 273 -17.01 13.45 -15.08
C ILE B 273 -17.59 13.62 -16.49
N PRO B 274 -17.02 14.47 -17.35
CA PRO B 274 -17.55 14.65 -18.72
C PRO B 274 -17.14 13.51 -19.65
N LEU B 275 -17.83 12.38 -19.54
CA LEU B 275 -17.46 11.19 -20.27
C LEU B 275 -17.83 11.34 -21.75
N ILE B 276 -17.06 10.66 -22.60
CA ILE B 276 -17.35 10.70 -24.04
C ILE B 276 -18.73 10.09 -24.30
N PRO B 277 -19.59 10.72 -25.07
CA PRO B 277 -20.86 10.08 -25.47
C PRO B 277 -20.62 8.72 -26.10
N LYS B 278 -21.45 7.73 -25.71
CA LYS B 278 -21.32 6.38 -26.25
C LYS B 278 -21.34 6.37 -27.77
N SER B 279 -22.20 7.20 -28.38
CA SER B 279 -22.32 7.18 -29.83
C SER B 279 -21.04 7.63 -30.52
N LYS B 280 -20.21 8.41 -29.83
CA LYS B 280 -18.96 8.90 -30.40
C LYS B 280 -17.78 8.00 -30.14
N LEU B 281 -17.88 7.06 -29.20
CA LEU B 281 -16.78 6.16 -28.95
C LEU B 281 -16.45 5.38 -30.22
N PRO B 282 -15.21 5.41 -30.70
CA PRO B 282 -14.91 4.73 -31.98
C PRO B 282 -14.99 3.22 -31.81
N ASP B 283 -15.83 2.59 -32.64
CA ASP B 283 -16.01 1.14 -32.61
C ASP B 283 -15.07 0.51 -33.64
N ILE B 284 -13.78 0.54 -33.30
CA ILE B 284 -12.73 0.14 -34.23
C ILE B 284 -11.79 -0.81 -33.50
N PRO B 285 -11.47 -1.97 -34.07
CA PRO B 285 -10.52 -2.88 -33.41
C PRO B 285 -9.20 -2.18 -33.10
N HIS B 286 -8.56 -2.64 -32.02
CA HIS B 286 -7.30 -2.05 -31.57
C HIS B 286 -6.30 -1.92 -32.70
N HIS B 287 -5.96 -3.05 -33.35
CA HIS B 287 -4.96 -3.00 -34.41
C HIS B 287 -5.42 -2.09 -35.55
N LYS B 288 -6.73 -2.05 -35.81
CA LYS B 288 -7.26 -1.25 -36.91
C LYS B 288 -7.15 0.24 -36.60
N PHE B 289 -7.46 0.64 -35.37
CA PHE B 289 -7.30 2.05 -34.99
C PHE B 289 -5.84 2.48 -35.11
N LEU B 290 -4.91 1.64 -34.67
CA LEU B 290 -3.49 2.00 -34.72
C LEU B 290 -3.01 2.12 -36.16
N GLU B 291 -3.49 1.26 -37.06
CA GLU B 291 -3.14 1.42 -38.47
C GLU B 291 -3.74 2.70 -39.03
N MET B 292 -4.93 3.07 -38.55
CA MET B 292 -5.59 4.28 -39.01
C MET B 292 -4.74 5.51 -38.72
N ILE B 293 -4.10 5.56 -37.55
CA ILE B 293 -3.36 6.74 -37.13
C ILE B 293 -1.86 6.64 -37.40
N GLN B 294 -1.36 5.49 -37.85
CA GLN B 294 0.08 5.31 -38.01
C GLN B 294 0.59 6.27 -39.09
C1 MLA C . 7.08 -7.51 20.54
O1A MLA C . 6.05 -6.87 20.85
O1B MLA C . 7.09 -8.77 20.62
C2 MLA C . 8.33 -6.76 20.06
C3 MLA C . 9.35 -6.75 21.19
O3A MLA C . 10.58 -6.62 20.92
O3B MLA C . 8.98 -6.84 22.38
HC21 MLA C . 8.08 -5.85 19.81
HC22 MLA C . 8.69 -7.22 19.29
C1 MLA D . 0.05 1.22 -19.88
O1A MLA D . -0.69 2.16 -20.28
O1B MLA D . 1.30 1.33 -19.95
C2 MLA D . -0.57 -0.04 -19.29
C3 MLA D . -0.41 -1.21 -20.27
O3A MLA D . -0.32 -1.00 -21.51
O3B MLA D . -0.36 -2.39 -19.83
HC21 MLA D . -1.51 0.11 -19.13
HC22 MLA D . -0.13 -0.27 -18.46
#